data_1UMT
#
_entry.id   1UMT
#
_cell.length_a   1.000
_cell.length_b   1.000
_cell.length_c   1.000
_cell.angle_alpha   90.00
_cell.angle_beta   90.00
_cell.angle_gamma   90.00
#
_symmetry.space_group_name_H-M   'P 1'
#
loop_
_entity.id
_entity.type
_entity.pdbx_description
1 polymer STROMELYSIN-1
2 non-polymer 'ZINC ION'
3 non-polymer 'CALCIUM ION'
4 non-polymer N-{(2R)-2-[2-(hydroxyamino)-2-oxoethyl]-4-methylpentanoyl}-L-leucyl-L-phenylalaninamide
#
_entity_poly.entity_id   1
_entity_poly.type   'polypeptide(L)'
_entity_poly.pdbx_seq_one_letter_code
;FRTFPGIPKWRKTHLTYRIVNYTPDLPKDAVDSAVEKALKVWEEVTPLTFSRLYEGEADIMISFAVREHGDFYPFDGPGN
VLAHAYAPGPGINGDAHFDDDEQWTKDTTGTNLFLVAAHEIGHSLGLFHSANTEALMYPLYHSLTDLTRFRLSQDDINGI
QSLYGPPPDSPETP
;
_entity_poly.pdbx_strand_id   A
#
loop_
_chem_comp.id
_chem_comp.type
_chem_comp.name
_chem_comp.formula
0DS peptide-like N-{(2R)-2-[2-(hydroxyamino)-2-oxoethyl]-4-methylpentanoyl}-L-leucyl-L-phenylalaninamide 'C23 H36 N4 O5'
CA non-polymer 'CALCIUM ION' 'Ca 2'
ZN non-polymer 'ZINC ION' 'Zn 2'
#
# COMPACT_ATOMS: atom_id res chain seq x y z
N PHE A 1 11.11 -11.51 9.46
CA PHE A 1 10.14 -11.35 8.36
C PHE A 1 10.84 -10.83 7.09
N ARG A 2 10.08 -10.18 6.20
CA ARG A 2 10.56 -9.56 4.97
C ARG A 2 11.40 -8.31 5.30
N THR A 3 11.59 -7.43 4.30
CA THR A 3 12.33 -6.16 4.37
C THR A 3 13.80 -6.39 4.73
N PHE A 4 14.55 -5.26 4.67
CA PHE A 4 15.92 -5.01 5.05
C PHE A 4 17.01 -6.00 4.59
N PRO A 5 18.29 -5.59 4.57
CA PRO A 5 18.89 -4.26 4.53
C PRO A 5 19.40 -3.98 3.13
N GLY A 6 19.76 -2.72 2.86
CA GLY A 6 20.13 -2.33 1.51
C GLY A 6 18.92 -2.41 0.58
N ILE A 7 17.71 -2.72 1.10
CA ILE A 7 16.43 -2.94 0.45
C ILE A 7 16.40 -4.39 -0.05
N PRO A 8 15.21 -5.03 -0.09
CA PRO A 8 14.88 -6.20 -0.91
C PRO A 8 15.37 -6.20 -2.37
N LYS A 9 14.51 -6.72 -3.24
CA LYS A 9 14.74 -6.97 -4.66
C LYS A 9 14.73 -5.73 -5.55
N TRP A 10 15.34 -4.63 -5.08
CA TRP A 10 15.53 -3.39 -5.82
C TRP A 10 16.31 -2.42 -4.93
N ARG A 11 17.65 -2.45 -5.03
CA ARG A 11 18.59 -1.71 -4.21
C ARG A 11 18.69 -0.20 -4.52
N LYS A 12 17.63 0.41 -5.07
CA LYS A 12 17.60 1.82 -5.44
C LYS A 12 16.65 2.60 -4.52
N THR A 13 17.06 3.81 -4.10
CA THR A 13 16.21 4.73 -3.33
C THR A 13 15.48 5.65 -4.31
N HIS A 14 14.90 5.02 -5.33
CA HIS A 14 14.18 5.65 -6.43
C HIS A 14 13.26 4.61 -7.04
N LEU A 15 12.13 4.32 -6.38
CA LEU A 15 11.23 3.26 -6.86
C LEU A 15 9.91 3.83 -7.41
N THR A 16 9.07 2.91 -7.89
CA THR A 16 7.87 3.32 -8.57
C THR A 16 6.66 2.45 -8.25
N TYR A 17 5.47 2.92 -8.67
CA TYR A 17 4.23 2.21 -8.45
C TYR A 17 3.34 2.41 -9.65
N ARG A 18 2.23 1.68 -9.77
CA ARG A 18 1.31 1.97 -10.86
C ARG A 18 -0.04 1.33 -10.61
N ILE A 19 -1.09 2.14 -10.64
CA ILE A 19 -2.45 1.64 -10.56
C ILE A 19 -2.64 1.06 -11.98
N VAL A 20 -2.60 -0.27 -12.08
CA VAL A 20 -2.76 -1.12 -13.24
C VAL A 20 -4.08 -0.66 -13.82
N ASN A 21 -5.15 -1.00 -13.11
CA ASN A 21 -6.50 -0.56 -13.34
C ASN A 21 -6.76 0.60 -12.38
N TYR A 22 -8.03 0.78 -11.99
CA TYR A 22 -8.58 1.70 -11.00
C TYR A 22 -10.05 1.29 -10.82
N THR A 23 -10.55 1.04 -9.61
CA THR A 23 -11.99 0.78 -9.51
C THR A 23 -12.69 2.15 -9.59
N PRO A 24 -13.70 2.34 -10.45
CA PRO A 24 -14.27 3.64 -10.74
C PRO A 24 -15.37 4.01 -9.74
N ASP A 25 -15.11 3.83 -8.43
CA ASP A 25 -16.04 4.27 -7.41
C ASP A 25 -15.61 5.68 -7.08
N LEU A 26 -14.45 5.90 -6.42
CA LEU A 26 -14.05 7.31 -6.34
C LEU A 26 -13.49 7.53 -7.77
N PRO A 27 -13.23 8.76 -8.22
CA PRO A 27 -12.50 8.94 -9.46
C PRO A 27 -11.27 8.03 -9.55
N LYS A 28 -10.93 7.59 -10.76
CA LYS A 28 -9.73 6.82 -11.06
C LYS A 28 -8.53 7.54 -10.46
N ASP A 29 -8.53 8.84 -10.72
CA ASP A 29 -7.61 9.86 -10.23
C ASP A 29 -7.62 9.98 -8.70
N ALA A 30 -8.72 9.63 -8.03
CA ALA A 30 -8.88 9.76 -6.58
C ALA A 30 -8.41 8.49 -5.89
N VAL A 31 -8.54 7.34 -6.56
CA VAL A 31 -8.08 6.03 -6.19
C VAL A 31 -6.57 6.01 -6.43
N ASP A 32 -6.11 6.70 -7.48
CA ASP A 32 -4.71 6.92 -7.76
C ASP A 32 -4.16 7.84 -6.68
N SER A 33 -4.90 8.92 -6.38
CA SER A 33 -4.55 9.83 -5.30
C SER A 33 -4.56 9.09 -3.96
N ALA A 34 -5.39 8.04 -3.78
CA ALA A 34 -5.41 7.34 -2.51
C ALA A 34 -3.99 6.68 -2.36
N VAL A 35 -3.57 5.87 -3.35
CA VAL A 35 -2.25 5.24 -3.46
C VAL A 35 -1.14 6.33 -3.35
N GLU A 36 -0.89 7.14 -4.39
CA GLU A 36 0.02 8.31 -4.49
C GLU A 36 0.26 9.07 -3.19
N LYS A 37 -0.76 9.19 -2.32
CA LYS A 37 -0.54 9.80 -1.02
C LYS A 37 0.27 8.83 -0.16
N ALA A 38 -0.18 7.56 -0.03
CA ALA A 38 0.53 6.48 0.67
C ALA A 38 2.03 6.61 0.36
N LEU A 39 2.39 6.53 -0.92
CA LEU A 39 3.73 6.76 -1.44
C LEU A 39 4.42 7.95 -0.82
N LYS A 40 3.68 9.06 -0.83
CA LYS A 40 4.14 10.38 -0.40
C LYS A 40 4.84 10.29 0.97
N VAL A 41 4.21 9.70 2.02
CA VAL A 41 4.96 9.64 3.29
C VAL A 41 5.86 8.43 3.28
N TRP A 42 5.49 7.28 2.67
CA TRP A 42 6.51 6.20 2.56
C TRP A 42 7.87 6.75 2.11
N GLU A 43 7.89 7.85 1.35
CA GLU A 43 9.13 8.44 0.82
C GLU A 43 9.79 9.38 1.83
N GLU A 44 9.01 9.97 2.73
CA GLU A 44 9.51 10.80 3.82
C GLU A 44 10.35 9.93 4.76
N VAL A 45 9.83 8.74 5.10
CA VAL A 45 10.44 7.85 6.07
C VAL A 45 11.70 7.21 5.47
N THR A 46 11.63 6.34 4.44
CA THR A 46 12.79 5.84 3.78
C THR A 46 13.09 6.91 2.72
N PRO A 47 14.30 7.49 2.70
CA PRO A 47 15.20 7.82 1.59
C PRO A 47 14.77 7.46 0.18
N LEU A 48 13.96 6.42 0.04
CA LEU A 48 13.37 6.08 -1.23
C LEU A 48 12.55 7.28 -1.64
N THR A 49 12.22 7.18 -2.90
CA THR A 49 11.36 8.08 -3.61
C THR A 49 10.53 7.24 -4.53
N PHE A 50 9.25 7.23 -4.20
CA PHE A 50 8.26 6.55 -5.01
C PHE A 50 7.59 7.58 -5.91
N SER A 51 7.10 7.05 -7.01
CA SER A 51 6.30 7.81 -7.99
C SER A 51 5.63 6.85 -8.97
N ARG A 52 4.62 7.29 -9.73
CA ARG A 52 4.02 6.45 -10.77
C ARG A 52 5.08 5.88 -11.73
N LEU A 53 4.72 4.79 -12.44
CA LEU A 53 5.60 4.03 -13.31
C LEU A 53 6.52 4.90 -14.15
N TYR A 54 7.81 4.61 -14.04
CA TYR A 54 8.86 5.20 -14.83
C TYR A 54 8.96 4.43 -16.17
N GLU A 55 8.92 3.09 -16.10
CA GLU A 55 9.11 2.12 -17.19
C GLU A 55 8.99 0.71 -16.60
N GLY A 56 8.79 -0.28 -17.47
CA GLY A 56 8.74 -1.69 -17.17
C GLY A 56 7.75 -2.01 -16.07
N GLU A 57 8.27 -2.85 -15.19
CA GLU A 57 7.65 -3.31 -13.94
C GLU A 57 7.92 -2.28 -12.83
N ALA A 58 7.23 -2.45 -11.70
CA ALA A 58 7.31 -1.54 -10.56
C ALA A 58 7.57 -2.31 -9.26
N ASP A 59 7.52 -1.57 -8.15
CA ASP A 59 7.69 -2.09 -6.80
C ASP A 59 6.39 -2.81 -6.41
N ILE A 60 5.31 -2.04 -6.49
CA ILE A 60 3.92 -2.35 -6.16
C ILE A 60 3.06 -1.78 -7.27
N MET A 61 2.41 -2.69 -8.01
CA MET A 61 1.46 -2.27 -9.03
C MET A 61 0.18 -2.94 -8.55
N ILE A 62 -0.83 -2.09 -8.65
CA ILE A 62 -2.14 -2.30 -8.11
C ILE A 62 -3.28 -2.26 -9.10
N SER A 63 -4.00 -3.35 -9.05
CA SER A 63 -5.15 -3.61 -9.87
C SER A 63 -6.40 -3.40 -9.03
N PHE A 64 -7.55 -3.79 -9.58
CA PHE A 64 -8.80 -3.73 -8.84
C PHE A 64 -9.66 -4.94 -9.14
N ALA A 65 -10.14 -5.51 -8.05
CA ALA A 65 -11.05 -6.66 -7.97
C ALA A 65 -11.33 -6.91 -6.50
N VAL A 66 -12.19 -7.90 -6.20
CA VAL A 66 -12.45 -8.47 -4.87
C VAL A 66 -13.58 -9.44 -4.89
N ARG A 67 -14.64 -9.03 -5.56
CA ARG A 67 -15.95 -9.71 -5.61
C ARG A 67 -15.76 -11.14 -6.14
N GLU A 68 -15.47 -11.95 -5.12
CA GLU A 68 -15.09 -13.34 -5.01
C GLU A 68 -14.26 -13.81 -6.20
N HIS A 69 -13.01 -13.35 -6.11
CA HIS A 69 -11.89 -13.51 -7.02
C HIS A 69 -11.08 -14.75 -6.68
N GLY A 70 -10.79 -14.96 -5.38
CA GLY A 70 -10.02 -16.09 -4.85
C GLY A 70 -8.54 -15.75 -4.82
N ASP A 71 -8.10 -15.08 -3.73
CA ASP A 71 -6.73 -14.58 -3.60
C ASP A 71 -6.17 -14.64 -2.17
N PHE A 72 -6.26 -13.54 -1.39
CA PHE A 72 -5.67 -13.34 -0.07
C PHE A 72 -6.75 -13.04 0.98
N TYR A 73 -7.19 -11.77 1.14
CA TYR A 73 -8.30 -11.37 2.01
C TYR A 73 -9.51 -10.83 1.24
N PRO A 74 -9.97 -11.42 0.11
CA PRO A 74 -10.91 -10.72 -0.73
C PRO A 74 -12.32 -10.59 -0.21
N PHE A 75 -13.08 -10.12 -1.18
CA PHE A 75 -14.53 -9.97 -1.24
C PHE A 75 -15.32 -9.61 0.03
N ASP A 76 -14.82 -8.89 1.05
CA ASP A 76 -15.79 -8.56 2.10
C ASP A 76 -16.74 -7.42 1.62
N GLY A 77 -16.68 -6.98 0.33
CA GLY A 77 -17.63 -5.99 -0.23
C GLY A 77 -17.68 -4.64 0.51
N PRO A 78 -18.51 -3.61 0.11
CA PRO A 78 -18.30 -2.23 0.56
C PRO A 78 -18.32 -2.16 2.03
N GLY A 79 -17.36 -1.35 2.41
CA GLY A 79 -17.02 -1.18 3.75
C GLY A 79 -16.15 -2.38 4.11
N ASN A 80 -15.14 -1.98 4.83
CA ASN A 80 -14.18 -2.76 5.54
C ASN A 80 -12.83 -2.48 4.99
N VAL A 81 -12.00 -3.51 4.85
CA VAL A 81 -10.78 -3.29 4.15
C VAL A 81 -10.89 -4.35 3.08
N LEU A 82 -9.82 -4.32 2.30
CA LEU A 82 -9.87 -5.03 1.07
C LEU A 82 -8.71 -5.07 0.09
N ALA A 83 -7.51 -4.58 0.39
CA ALA A 83 -6.48 -4.84 -0.62
C ALA A 83 -6.24 -6.34 -0.44
N HIS A 84 -6.28 -7.16 -1.50
CA HIS A 84 -6.16 -8.59 -1.31
C HIS A 84 -4.98 -8.78 -2.22
N ALA A 85 -3.86 -8.61 -1.53
CA ALA A 85 -2.49 -8.52 -2.00
C ALA A 85 -1.54 -9.69 -1.74
N TYR A 86 -0.30 -9.46 -2.22
CA TYR A 86 0.89 -10.29 -2.07
C TYR A 86 2.12 -9.37 -1.92
N ALA A 87 3.09 -9.88 -1.15
CA ALA A 87 4.33 -9.29 -0.67
C ALA A 87 5.31 -8.90 -1.83
N PRO A 88 6.59 -8.52 -1.59
CA PRO A 88 7.47 -7.83 -2.55
C PRO A 88 7.61 -8.70 -3.75
N GLY A 89 8.21 -9.81 -3.43
CA GLY A 89 8.42 -10.99 -4.27
C GLY A 89 7.09 -11.61 -4.75
N PRO A 90 6.31 -12.28 -3.88
CA PRO A 90 4.98 -12.87 -4.12
C PRO A 90 4.00 -12.01 -4.94
N GLY A 91 3.23 -12.69 -5.81
CA GLY A 91 2.25 -12.09 -6.70
C GLY A 91 2.99 -11.42 -7.82
N ILE A 92 2.29 -10.52 -8.53
CA ILE A 92 2.98 -9.69 -9.49
C ILE A 92 3.59 -8.79 -8.43
N ASN A 93 4.87 -9.05 -8.25
CA ASN A 93 5.74 -8.54 -7.19
C ASN A 93 5.17 -7.24 -6.61
N GLY A 94 4.76 -7.34 -5.34
CA GLY A 94 4.06 -6.26 -4.68
C GLY A 94 2.68 -6.15 -5.32
N ASP A 95 1.85 -7.20 -5.26
CA ASP A 95 0.55 -7.10 -5.94
C ASP A 95 -0.59 -6.68 -5.04
N ALA A 96 -1.43 -5.74 -5.47
CA ALA A 96 -2.65 -5.53 -4.63
C ALA A 96 -3.90 -5.25 -5.45
N HIS A 97 -5.03 -5.89 -5.10
CA HIS A 97 -6.31 -5.69 -5.79
C HIS A 97 -7.24 -5.09 -4.75
N PHE A 98 -7.81 -3.93 -5.06
CA PHE A 98 -8.64 -3.19 -4.12
C PHE A 98 -10.06 -3.56 -4.31
N ASP A 99 -10.81 -3.83 -3.21
CA ASP A 99 -12.21 -4.16 -3.31
C ASP A 99 -12.90 -3.29 -4.35
N ASP A 100 -12.89 -3.77 -5.59
CA ASP A 100 -13.58 -3.21 -6.71
C ASP A 100 -15.05 -3.17 -6.35
N ASP A 101 -15.40 -4.05 -5.41
CA ASP A 101 -16.72 -4.28 -4.93
C ASP A 101 -17.12 -3.00 -4.17
N GLU A 102 -16.16 -2.26 -3.53
CA GLU A 102 -16.51 -1.13 -2.72
C GLU A 102 -17.22 -0.02 -3.47
N GLN A 103 -17.34 1.07 -2.74
CA GLN A 103 -17.94 2.34 -3.08
C GLN A 103 -17.00 3.26 -2.34
N TRP A 104 -15.76 3.29 -2.86
CA TRP A 104 -14.59 3.97 -2.34
C TRP A 104 -15.05 5.29 -1.74
N THR A 105 -14.43 5.65 -0.60
CA THR A 105 -14.93 6.75 0.21
C THR A 105 -13.99 7.10 1.36
N LYS A 106 -14.56 7.80 2.34
CA LYS A 106 -14.05 8.23 3.61
C LYS A 106 -15.22 8.85 4.34
N ASP A 107 -15.99 7.98 4.95
CA ASP A 107 -17.09 8.40 5.85
C ASP A 107 -16.49 8.25 7.25
N THR A 108 -15.21 8.66 7.34
CA THR A 108 -14.24 8.49 8.39
C THR A 108 -13.66 7.12 8.04
N THR A 109 -14.49 6.24 7.44
CA THR A 109 -14.19 4.91 7.13
C THR A 109 -14.89 4.59 5.82
N GLY A 110 -15.75 3.57 5.80
CA GLY A 110 -16.41 2.98 4.66
C GLY A 110 -15.12 2.32 4.26
N THR A 111 -14.70 2.61 3.05
CA THR A 111 -13.39 2.20 2.66
C THR A 111 -12.72 3.33 1.92
N ASN A 112 -11.40 3.46 2.04
CA ASN A 112 -10.63 4.43 1.25
C ASN A 112 -9.49 3.65 0.62
N LEU A 113 -9.42 3.69 -0.72
CA LEU A 113 -8.50 2.96 -1.56
C LEU A 113 -7.06 3.28 -1.06
N PHE A 114 -6.92 4.47 -0.48
CA PHE A 114 -5.82 5.12 0.23
C PHE A 114 -5.06 4.26 1.23
N LEU A 115 -5.72 3.80 2.29
CA LEU A 115 -5.00 3.10 3.34
C LEU A 115 -4.68 1.69 3.00
N VAL A 116 -5.56 0.96 2.30
CA VAL A 116 -5.20 -0.34 1.89
C VAL A 116 -4.06 -0.23 0.90
N ALA A 117 -3.99 0.90 0.21
CA ALA A 117 -2.86 1.18 -0.67
C ALA A 117 -1.64 1.11 0.23
N ALA A 118 -1.54 1.87 1.32
CA ALA A 118 -0.45 1.77 2.28
C ALA A 118 -0.26 0.35 2.75
N HIS A 119 -1.26 -0.30 3.31
CA HIS A 119 -1.16 -1.71 3.65
C HIS A 119 -0.54 -2.54 2.52
N GLU A 120 -0.75 -2.18 1.24
CA GLU A 120 -0.15 -2.80 0.06
C GLU A 120 1.29 -2.30 -0.19
N ILE A 121 1.53 -0.98 -0.31
CA ILE A 121 2.82 -0.42 -0.66
C ILE A 121 3.82 -0.95 0.38
N GLY A 122 3.38 -0.94 1.64
CA GLY A 122 4.03 -1.47 2.81
C GLY A 122 4.13 -2.97 2.76
N HIS A 123 2.99 -3.63 2.47
CA HIS A 123 2.97 -5.10 2.50
C HIS A 123 4.02 -5.64 1.55
N SER A 124 4.13 -5.07 0.34
CA SER A 124 5.15 -5.47 -0.58
C SER A 124 6.52 -5.42 0.05
N LEU A 125 7.02 -4.25 0.38
CA LEU A 125 8.40 -4.14 0.83
C LEU A 125 8.73 -5.09 1.99
N GLY A 126 8.04 -5.00 3.13
CA GLY A 126 8.26 -5.97 4.18
C GLY A 126 7.95 -5.49 5.59
N LEU A 127 7.61 -4.20 5.81
CA LEU A 127 7.19 -3.81 7.19
C LEU A 127 5.88 -4.49 7.67
N PHE A 128 5.34 -5.28 6.78
CA PHE A 128 4.20 -6.20 6.78
C PHE A 128 3.90 -6.76 8.18
N HIS A 129 2.71 -6.43 8.71
CA HIS A 129 2.09 -6.88 9.96
C HIS A 129 2.85 -6.50 11.24
N SER A 130 2.09 -5.98 12.21
CA SER A 130 2.48 -5.60 13.58
C SER A 130 1.20 -5.29 14.37
N ALA A 131 1.35 -4.68 15.55
CA ALA A 131 0.23 -4.26 16.39
C ALA A 131 0.63 -3.03 17.22
N ASN A 132 0.52 -1.84 16.61
CA ASN A 132 0.79 -0.56 17.26
C ASN A 132 -0.21 0.48 16.76
N THR A 133 -0.34 1.60 17.51
CA THR A 133 -1.30 2.67 17.28
C THR A 133 -1.04 3.39 15.96
N GLU A 134 0.01 4.20 15.89
CA GLU A 134 0.39 5.05 14.76
C GLU A 134 0.64 4.29 13.45
N ALA A 135 0.91 2.98 13.52
CA ALA A 135 1.29 2.14 12.46
C ALA A 135 0.33 2.02 11.33
N LEU A 136 0.88 1.62 10.19
CA LEU A 136 0.06 1.26 9.07
C LEU A 136 -0.31 -0.18 9.41
N MET A 137 0.45 -0.78 10.36
CA MET A 137 0.07 -2.11 10.83
C MET A 137 -1.17 -2.01 11.73
N TYR A 138 -1.53 -0.81 12.23
CA TYR A 138 -2.77 -0.60 12.99
C TYR A 138 -4.00 -1.19 12.27
N PRO A 139 -5.09 -1.57 12.96
CA PRO A 139 -6.16 -2.36 12.40
C PRO A 139 -7.08 -1.83 11.31
N LEU A 140 -7.17 -0.53 10.96
CA LEU A 140 -8.23 -0.22 10.01
C LEU A 140 -8.16 1.22 9.46
N TYR A 141 -9.18 1.53 8.64
CA TYR A 141 -9.48 2.70 7.83
C TYR A 141 -10.10 3.88 8.60
N HIS A 142 -9.55 4.10 9.79
CA HIS A 142 -9.76 5.20 10.71
C HIS A 142 -8.31 5.54 11.05
N SER A 143 -7.59 5.92 9.99
CA SER A 143 -6.16 6.14 9.95
C SER A 143 -5.68 7.41 10.67
N LEU A 144 -5.67 7.26 11.99
CA LEU A 144 -5.19 8.10 13.08
C LEU A 144 -4.12 9.08 12.64
N THR A 145 -2.97 8.52 12.23
CA THR A 145 -1.77 9.24 11.86
C THR A 145 -2.00 10.10 10.62
N ASP A 146 -2.87 9.66 9.69
CA ASP A 146 -3.23 10.35 8.42
C ASP A 146 -2.03 10.64 7.49
N LEU A 147 -2.16 10.35 6.19
CA LEU A 147 -1.05 10.49 5.24
C LEU A 147 -0.83 11.94 4.84
N THR A 148 0.02 12.59 5.63
CA THR A 148 0.56 13.94 5.50
C THR A 148 1.95 14.00 6.16
N ARG A 149 2.08 13.21 7.23
CA ARG A 149 3.23 12.90 8.05
C ARG A 149 2.74 11.64 8.77
N PHE A 150 2.57 10.57 7.98
CA PHE A 150 1.99 9.31 8.38
C PHE A 150 2.77 8.44 9.34
N ARG A 151 3.92 8.89 9.88
CA ARG A 151 4.82 8.18 10.82
C ARG A 151 4.31 6.74 11.01
N LEU A 152 4.69 5.85 10.08
CA LEU A 152 4.17 4.50 10.03
C LEU A 152 4.58 3.66 11.24
N SER A 153 4.38 2.35 11.12
CA SER A 153 4.56 1.33 12.15
C SER A 153 5.88 1.33 12.95
N GLN A 154 5.93 0.40 13.90
CA GLN A 154 7.09 0.08 14.72
C GLN A 154 7.96 -0.91 13.93
N ASP A 155 7.34 -1.58 12.95
CA ASP A 155 7.94 -2.48 11.99
C ASP A 155 8.38 -1.58 10.84
N ASP A 156 7.64 -0.48 10.64
CA ASP A 156 8.03 0.54 9.68
C ASP A 156 9.42 1.00 10.13
N ILE A 157 9.64 1.20 11.43
CA ILE A 157 10.98 1.53 11.87
C ILE A 157 11.90 0.38 11.44
N ASN A 158 11.64 -0.85 11.90
CA ASN A 158 12.52 -1.98 11.56
C ASN A 158 12.16 -2.63 10.22
N GLY A 159 12.02 -1.78 9.20
CA GLY A 159 11.71 -2.14 7.84
C GLY A 159 12.12 -1.01 6.90
N ILE A 160 11.46 0.16 7.03
CA ILE A 160 11.67 1.34 6.20
C ILE A 160 13.02 1.99 6.54
N GLN A 161 13.58 1.68 7.71
CA GLN A 161 14.91 2.14 8.07
C GLN A 161 15.91 1.15 7.48
N SER A 162 15.49 0.38 6.47
CA SER A 162 16.30 -0.60 5.78
C SER A 162 16.32 -0.29 4.31
N LEU A 163 15.09 0.02 3.88
CA LEU A 163 14.67 0.49 2.59
C LEU A 163 15.65 1.59 2.25
N TYR A 164 15.66 2.62 3.09
CA TYR A 164 16.63 3.66 2.99
C TYR A 164 18.12 3.27 3.09
N GLY A 165 18.46 1.99 2.90
CA GLY A 165 19.81 1.47 2.98
C GLY A 165 20.85 2.25 2.17
N PRO A 166 20.56 2.67 0.92
CA PRO A 166 21.54 3.32 0.06
C PRO A 166 22.00 4.66 0.65
ZN ZN B . -1.77 -7.13 6.75
ZN ZN C . -7.67 -10.07 -6.80
CA CA D . -14.46 -4.46 2.35
C11 0DS E . -4.13 -4.41 9.29
C21 0DS E . -3.44 -5.60 8.61
O21 0DS E . -2.25 -5.51 8.28
N3 0DS E . -4.16 -6.71 8.45
O3 0DS E . -3.62 -7.71 7.96
C1 0DS E . -6.39 -4.74 8.10
O1 0DS E . -6.22 -5.43 7.09
C2 0DS E . -5.31 -3.75 8.54
C3 0DS E . -4.96 -2.84 7.36
C4 0DS E . -5.94 -1.65 7.31
C5 0DS E . -6.18 -1.19 5.88
CM4 0DS E . -5.42 -0.50 8.18
N 0DS E . -7.51 -4.78 8.83
CA 0DS E . -8.66 -5.60 8.46
C 0DS E . -9.87 -5.07 9.23
O 0DS E . -9.85 -5.04 10.45
CB 0DS E . -8.40 -7.06 8.73
CG 0DS E . -8.87 -7.94 7.53
CD1 0DS E . -10.34 -7.71 7.14
CD2 0DS E . -8.01 -7.76 6.27
N1 0DS E . -10.94 -4.63 8.52
CA1 0DS E . -12.06 -4.01 9.20
C6 0DS E . -12.94 -5.14 9.76
O2 0DS E . -13.01 -5.33 10.97
CB1 0DS E . -12.81 -3.07 8.26
CG1 0DS E . -13.64 -1.98 8.95
CD11 0DS E . -14.11 -2.13 10.27
CD21 0DS E . -13.98 -0.80 8.27
CE1 0DS E . -14.94 -1.14 10.83
CE2 0DS E . -15.05 -0.01 8.69
CZ 0DS E . -15.50 -0.15 10.02
N2 0DS E . -13.60 -5.90 8.87
H12 0DS E . -4.50 -4.76 10.25
H13 0DS E . -3.38 -3.64 9.49
HN 0DS E . -5.08 -6.84 8.84
HO 0DS E . -3.15 -8.19 8.65
H22 0DS E . -5.74 -3.11 9.30
H31 0DS E . -3.94 -2.47 7.42
H32 0DS E . -5.05 -3.39 6.41
H4 0DS E . -6.90 -1.93 7.74
H51 0DS E . -6.81 -0.31 5.86
H52 0DS E . -5.23 -0.97 5.38
H53 0DS E . -6.68 -1.99 5.34
HM41 0DS E . -4.40 -0.26 7.93
HM42 0DS E . -5.46 -0.80 9.22
HM43 0DS E . -6.07 0.37 8.05
H 0DS E . -7.61 -4.16 9.62
HA 0DS E . -8.82 -5.56 7.41
HB2 0DS E . -7.32 -7.18 8.88
HB3 0DS E . -8.91 -7.32 9.65
HG 0DS E . -8.77 -8.98 7.86
HD11 0DS E . -10.98 -7.76 8.03
HD12 0DS E . -10.49 -6.75 6.66
HD13 0DS E . -10.65 -8.47 6.43
HD21 0DS E . -6.95 -7.90 6.50
HD22 0DS E . -8.29 -8.50 5.52
HD23 0DS E . -8.14 -6.78 5.81
H1 0DS E . -10.94 -4.64 7.51
HA1 0DS E . -11.66 -3.39 10.00
HB21 0DS E . -12.14 -2.61 7.55
HB31 0DS E . -13.41 -3.61 7.57
HD1 0DS E . -13.79 -2.93 10.91
HD2 0DS E . -13.47 -0.52 7.35
HE1 0DS E . -15.11 -1.16 11.89
HE2 0DS E . -15.42 0.75 8.03
HZ 0DS E . -16.23 0.55 10.42
HN1 0DS E . -14.19 -6.65 9.20
HN2 0DS E . -13.50 -5.73 7.88
#